data_3C7D
#
_entry.id   3C7D
#
_cell.length_a   96.000
_cell.length_b   96.000
_cell.length_c   117.800
_cell.angle_alpha   90.00
_cell.angle_beta   90.00
_cell.angle_gamma   90.00
#
_symmetry.space_group_name_H-M   'P 41 21 2'
#
loop_
_entity.id
_entity.type
_entity.pdbx_description
1 polymer 'Octopine dehydrogenase'
2 non-polymer NICOTINAMIDE-ADENINE-DINUCLEOTIDE
3 non-polymer 'PYRUVIC ACID'
#
_entity_poly.entity_id   1
_entity_poly.type   'polypeptide(L)'
_entity_poly.pdbx_seq_one_letter_code
;MTVKVCVCGGGNGAHTLSGLAASRDGVEVRVLTLFADEAERWTKALGADELTVIVNEKDGTQTEVKSRPKVITKDPEIAI
SGADVVILTVPAFAHEGYFQAMAPYVQDSALIVGLPSQAGFEFQCRDILGDKAAAVSMMSFETLPWACRIKEFGRKVEVL
GTKSVLAASLIKGTAKTVDPLSTLQMLHGAEPVFRLAKHFLEMLIMSYSFVHPAILFGRWGSWDGKPVPEAPLFYQGIDQ
ATADMLTACSNECKDVANAIMAACPGNDLSDVKDIYQWYLEYYHEDIQDDHDLYHAITTNKSYKGLVHPVKAVDGGVAPD
FGNRYLTEDIPMGMIVFKGVAIAAGVAIPSNDKLIMWAQEKIGKEYLVDGALTGKDVATTRCPQRYGFNTLDAILTGKKH
HHHH
;
_entity_poly.pdbx_strand_id   B
#
loop_
_chem_comp.id
_chem_comp.type
_chem_comp.name
_chem_comp.formula
NAD non-polymer NICOTINAMIDE-ADENINE-DINUCLEOTIDE 'C21 H27 N7 O14 P2'
PYR non-polymer 'PYRUVIC ACID' 'C3 H4 O3'
#
# COMPACT_ATOMS: atom_id res chain seq x y z
N THR A 2 8.04 23.67 -15.06
CA THR A 2 8.40 22.21 -15.07
C THR A 2 8.00 21.56 -13.74
N VAL A 3 7.32 20.42 -13.84
CA VAL A 3 6.98 19.62 -12.66
C VAL A 3 7.86 18.39 -12.64
N LYS A 4 8.89 18.43 -11.80
CA LYS A 4 9.88 17.37 -11.71
C LYS A 4 9.40 16.23 -10.81
N VAL A 5 9.30 15.04 -11.38
CA VAL A 5 8.74 13.86 -10.69
C VAL A 5 9.75 12.71 -10.67
N CYS A 6 9.93 12.12 -9.49
CA CYS A 6 10.74 10.92 -9.36
C CYS A 6 9.88 9.69 -9.06
N VAL A 7 10.01 8.69 -9.93
CA VAL A 7 9.31 7.42 -9.74
C VAL A 7 10.28 6.38 -9.20
N CYS A 8 9.95 5.85 -8.02
CA CYS A 8 10.76 4.83 -7.36
C CYS A 8 10.18 3.43 -7.60
N GLY A 9 11.04 2.53 -8.08
CA GLY A 9 10.63 1.16 -8.37
C GLY A 9 10.88 0.79 -9.82
N GLY A 10 10.69 -0.50 -10.12
CA GLY A 10 10.91 -1.02 -11.47
C GLY A 10 9.93 -2.11 -11.88
N GLY A 11 8.92 -2.34 -11.05
CA GLY A 11 7.88 -3.34 -11.32
C GLY A 11 6.79 -2.85 -12.24
N ASN A 12 5.61 -3.47 -12.14
CA ASN A 12 4.49 -3.16 -13.03
C ASN A 12 4.03 -1.71 -12.95
N GLY A 13 3.75 -1.27 -11.72
CA GLY A 13 3.29 0.09 -11.46
C GLY A 13 4.28 1.16 -11.90
N ALA A 14 5.56 0.93 -11.60
CA ALA A 14 6.63 1.85 -11.95
C ALA A 14 6.74 2.07 -13.45
N HIS A 15 6.55 1.00 -14.22
CA HIS A 15 6.53 1.07 -15.69
C HIS A 15 5.37 1.92 -16.19
N THR A 16 4.18 1.67 -15.63
CA THR A 16 2.95 2.36 -15.98
C THR A 16 3.00 3.85 -15.63
N LEU A 17 3.38 4.14 -14.39
CA LEU A 17 3.51 5.51 -13.92
C LEU A 17 4.53 6.30 -14.73
N SER A 18 5.73 5.75 -14.88
CA SER A 18 6.76 6.37 -15.71
C SER A 18 6.22 6.68 -17.10
N GLY A 19 5.57 5.69 -17.71
CA GLY A 19 4.97 5.84 -19.04
C GLY A 19 3.89 6.90 -19.11
N LEU A 20 2.94 6.85 -18.18
CA LEU A 20 1.83 7.80 -18.16
C LEU A 20 2.25 9.20 -17.73
N ALA A 21 3.24 9.28 -16.83
CA ALA A 21 3.69 10.56 -16.29
C ALA A 21 4.58 11.33 -17.28
N ALA A 22 5.50 10.64 -17.94
CA ALA A 22 6.42 11.27 -18.90
C ALA A 22 5.73 11.75 -20.17
N SER A 23 4.51 11.24 -20.42
CA SER A 23 3.72 11.63 -21.57
C SER A 23 3.03 12.99 -21.37
N ARG A 24 2.94 13.41 -20.11
CA ARG A 24 2.30 14.67 -19.76
C ARG A 24 3.21 15.85 -20.11
N ASP A 25 2.62 16.86 -20.73
CA ASP A 25 3.31 18.09 -21.08
C ASP A 25 3.82 18.82 -19.83
N GLY A 26 5.10 19.19 -19.85
CA GLY A 26 5.71 19.99 -18.79
C GLY A 26 6.33 19.21 -17.64
N VAL A 27 6.20 17.88 -17.69
CA VAL A 27 6.69 17.02 -16.62
C VAL A 27 8.04 16.41 -16.97
N GLU A 28 8.97 16.42 -16.00
CA GLU A 28 10.24 15.73 -16.10
C GLU A 28 10.23 14.52 -15.17
N VAL A 29 10.36 13.33 -15.74
CA VAL A 29 10.32 12.10 -14.94
C VAL A 29 11.71 11.48 -14.80
N ARG A 30 12.09 11.22 -13.55
CA ARG A 30 13.30 10.47 -13.26
C ARG A 30 12.93 9.18 -12.56
N VAL A 31 13.47 8.06 -13.04
CA VAL A 31 13.19 6.78 -12.42
C VAL A 31 14.37 6.39 -11.52
N LEU A 32 14.06 6.19 -10.24
CA LEU A 32 15.03 5.68 -9.28
C LEU A 32 14.70 4.23 -8.92
N THR A 33 15.68 3.35 -9.11
CA THR A 33 15.58 1.98 -8.61
C THR A 33 16.91 1.48 -8.03
N LEU A 34 16.83 0.97 -6.80
CA LEU A 34 18.01 0.56 -6.05
C LEU A 34 18.17 -0.96 -6.01
N PHE A 35 17.26 -1.67 -6.68
CA PHE A 35 17.32 -3.12 -6.76
C PHE A 35 18.43 -3.55 -7.72
N ALA A 36 19.58 -3.89 -7.13
CA ALA A 36 20.79 -4.26 -7.86
C ALA A 36 21.18 -3.27 -8.95
N ASP A 37 21.02 -3.66 -10.22
CA ASP A 37 21.31 -2.79 -11.36
C ASP A 37 20.14 -2.75 -12.33
N GLU A 38 18.93 -2.76 -11.77
CA GLU A 38 17.68 -2.74 -12.54
C GLU A 38 17.55 -1.50 -13.43
N ALA A 39 18.11 -0.38 -12.97
CA ALA A 39 18.12 0.88 -13.73
C ALA A 39 18.96 0.72 -14.99
N GLU A 40 20.14 0.13 -14.82
CA GLU A 40 21.05 -0.16 -15.92
C GLU A 40 20.45 -1.17 -16.90
N ARG A 41 19.68 -2.12 -16.36
CA ARG A 41 18.97 -3.11 -17.17
C ARG A 41 17.79 -2.47 -17.92
N TRP A 42 17.12 -1.53 -17.26
CA TRP A 42 16.00 -0.80 -17.85
C TRP A 42 16.48 0.03 -19.04
N THR A 43 17.51 0.84 -18.80
CA THR A 43 18.05 1.75 -19.82
C THR A 43 18.52 1.00 -21.06
N LYS A 44 19.29 -0.08 -20.84
CA LYS A 44 19.82 -0.90 -21.93
C LYS A 44 18.69 -1.56 -22.72
N ALA A 45 17.62 -1.96 -22.02
CA ALA A 45 16.45 -2.56 -22.66
C ALA A 45 15.64 -1.57 -23.48
N LEU A 46 15.52 -0.33 -22.97
CA LEU A 46 14.78 0.70 -23.67
C LEU A 46 15.52 1.18 -24.91
N GLY A 47 16.82 1.40 -24.77
CA GLY A 47 17.65 1.91 -25.86
C GLY A 47 17.28 3.33 -26.20
N ALA A 48 17.02 3.58 -27.47
CA ALA A 48 16.61 4.90 -27.95
C ALA A 48 15.09 4.99 -28.17
N ASP A 49 14.40 3.87 -27.97
CA ASP A 49 12.96 3.77 -28.19
C ASP A 49 12.16 4.46 -27.09
N GLU A 50 10.85 4.57 -27.30
CA GLU A 50 9.96 5.15 -26.30
C GLU A 50 9.23 4.06 -25.51
N LEU A 51 8.98 4.34 -24.23
CA LEU A 51 8.26 3.45 -23.35
C LEU A 51 6.77 3.44 -23.72
N THR A 52 6.17 2.25 -23.71
CA THR A 52 4.81 2.07 -24.21
C THR A 52 3.87 1.56 -23.11
N VAL A 53 2.70 2.21 -23.02
CA VAL A 53 1.63 1.81 -22.10
C VAL A 53 0.36 1.49 -22.91
N ILE A 54 -0.11 0.24 -22.80
CA ILE A 54 -1.33 -0.18 -23.48
C ILE A 54 -2.50 -0.21 -22.48
N VAL A 55 -3.48 0.65 -22.72
CA VAL A 55 -4.62 0.79 -21.81
C VAL A 55 -5.91 0.27 -22.44
N ASN A 56 -6.56 -0.67 -21.75
CA ASN A 56 -7.92 -1.07 -22.09
C ASN A 56 -8.89 -0.10 -21.41
N GLU A 57 -9.69 0.58 -22.21
CA GLU A 57 -10.43 1.76 -21.74
C GLU A 57 -11.70 1.47 -20.92
N LYS A 58 -12.21 0.24 -21.02
CA LYS A 58 -13.42 -0.22 -20.28
C LYS A 58 -14.69 0.59 -20.61
N ASP A 59 -15.21 0.50 -21.84
CA ASP A 59 -14.57 -0.19 -22.97
C ASP A 59 -14.48 0.73 -24.20
N GLY A 60 -13.25 0.99 -24.63
CA GLY A 60 -12.97 1.76 -25.84
C GLY A 60 -11.78 1.14 -26.57
N THR A 61 -11.77 -0.20 -26.60
CA THR A 61 -10.65 -1.00 -27.12
C THR A 61 -9.34 -0.69 -26.38
N GLN A 62 -8.35 -0.18 -27.11
CA GLN A 62 -7.01 0.08 -26.56
C GLN A 62 -6.48 1.47 -26.91
N THR A 63 -5.38 1.86 -26.27
CA THR A 63 -4.74 3.15 -26.50
C THR A 63 -3.22 3.04 -26.39
N GLU A 64 -2.52 3.59 -27.38
CA GLU A 64 -1.06 3.60 -27.41
C GLU A 64 -0.52 4.90 -26.78
N VAL A 65 0.16 4.77 -25.64
CA VAL A 65 0.80 5.90 -24.97
C VAL A 65 2.32 5.73 -25.02
N LYS A 66 3.00 6.66 -25.68
CA LYS A 66 4.45 6.59 -25.87
C LYS A 66 5.19 7.79 -25.28
N SER A 67 6.15 7.51 -24.40
CA SER A 67 6.95 8.55 -23.75
C SER A 67 8.30 8.06 -23.26
N ARG A 68 9.22 8.99 -23.03
CA ARG A 68 10.56 8.68 -22.52
C ARG A 68 10.90 9.53 -21.31
N PRO A 69 11.21 8.90 -20.17
CA PRO A 69 11.72 9.62 -19.00
C PRO A 69 13.04 10.30 -19.34
N LYS A 70 13.41 11.33 -18.58
CA LYS A 70 14.67 12.03 -18.80
C LYS A 70 15.87 11.13 -18.53
N VAL A 71 15.80 10.36 -17.44
CA VAL A 71 16.86 9.42 -17.07
C VAL A 71 16.30 8.31 -16.14
N ILE A 72 16.90 7.12 -16.22
CA ILE A 72 16.56 5.99 -15.36
C ILE A 72 17.83 5.55 -14.63
N THR A 73 17.87 5.80 -13.32
CA THR A 73 19.12 5.68 -12.56
C THR A 73 18.98 4.97 -11.21
N LYS A 74 20.11 4.47 -10.70
CA LYS A 74 20.18 3.95 -9.34
C LYS A 74 20.81 4.96 -8.38
N ASP A 75 21.27 6.08 -8.95
CA ASP A 75 21.85 7.18 -8.19
C ASP A 75 20.75 8.09 -7.67
N PRO A 76 20.53 8.10 -6.34
CA PRO A 76 19.47 8.92 -5.75
C PRO A 76 19.73 10.42 -5.89
N GLU A 77 21.01 10.82 -5.95
CA GLU A 77 21.37 12.22 -6.12
C GLU A 77 20.77 12.80 -7.40
N ILE A 78 20.95 12.09 -8.52
CA ILE A 78 20.43 12.53 -9.81
C ILE A 78 18.90 12.54 -9.83
N ALA A 79 18.29 11.46 -9.35
CA ALA A 79 16.84 11.29 -9.40
C ALA A 79 16.05 12.14 -8.38
N ILE A 80 16.64 12.38 -7.22
CA ILE A 80 15.93 13.06 -6.12
C ILE A 80 16.18 14.58 -6.03
N SER A 81 17.35 15.04 -6.48
CA SER A 81 17.68 16.47 -6.41
C SER A 81 16.78 17.32 -7.31
N GLY A 82 16.07 18.25 -6.69
CA GLY A 82 15.16 19.14 -7.41
C GLY A 82 13.79 18.55 -7.68
N ALA A 83 13.58 17.31 -7.24
CA ALA A 83 12.32 16.60 -7.43
C ALA A 83 11.19 17.21 -6.61
N ASP A 84 10.14 17.64 -7.31
CA ASP A 84 8.95 18.19 -6.67
C ASP A 84 8.08 17.08 -6.08
N VAL A 85 8.00 15.95 -6.79
CA VAL A 85 7.17 14.82 -6.37
C VAL A 85 7.97 13.51 -6.39
N VAL A 86 7.99 12.82 -5.25
CA VAL A 86 8.69 11.53 -5.14
C VAL A 86 7.65 10.44 -4.87
N ILE A 87 7.42 9.61 -5.88
CA ILE A 87 6.37 8.59 -5.82
C ILE A 87 6.96 7.19 -5.74
N LEU A 88 6.65 6.49 -4.65
CA LEU A 88 7.10 5.12 -4.43
C LEU A 88 6.05 4.13 -4.92
N THR A 89 6.37 3.42 -6.00
CA THR A 89 5.52 2.35 -6.52
C THR A 89 6.28 1.01 -6.51
N VAL A 90 6.32 0.40 -5.33
CA VAL A 90 6.95 -0.90 -5.08
C VAL A 90 6.26 -1.57 -3.90
N PRO A 91 6.41 -2.91 -3.78
CA PRO A 91 5.98 -3.60 -2.56
C PRO A 91 6.63 -2.96 -1.33
N ALA A 92 5.86 -2.82 -0.26
CA ALA A 92 6.26 -2.06 0.92
C ALA A 92 7.59 -2.46 1.58
N PHE A 93 8.03 -3.69 1.35
CA PHE A 93 9.31 -4.15 1.93
C PHE A 93 10.50 -3.37 1.38
N ALA A 94 10.36 -2.83 0.17
CA ALA A 94 11.42 -2.07 -0.47
C ALA A 94 11.46 -0.60 -0.02
N HIS A 95 10.40 -0.15 0.65
CA HIS A 95 10.23 1.26 1.00
C HIS A 95 11.36 1.85 1.86
N GLU A 96 11.84 1.04 2.81
CA GLU A 96 12.94 1.45 3.69
C GLU A 96 14.12 2.01 2.91
N GLY A 97 14.59 1.22 1.93
CA GLY A 97 15.76 1.57 1.12
C GLY A 97 15.59 2.86 0.33
N TYR A 98 14.38 3.09 -0.18
CA TYR A 98 14.11 4.31 -0.95
C TYR A 98 14.11 5.58 -0.12
N PHE A 99 13.53 5.50 1.08
CA PHE A 99 13.62 6.60 2.03
C PHE A 99 15.07 6.88 2.45
N GLN A 100 15.81 5.82 2.74
CA GLN A 100 17.22 5.93 3.14
C GLN A 100 18.09 6.58 2.07
N ALA A 101 17.85 6.20 0.81
CA ALA A 101 18.62 6.72 -0.31
C ALA A 101 18.26 8.17 -0.67
N MET A 102 16.99 8.54 -0.47
CA MET A 102 16.51 9.88 -0.84
C MET A 102 16.78 10.95 0.22
N ALA A 103 16.93 10.51 1.47
CA ALA A 103 17.05 11.40 2.63
C ALA A 103 18.04 12.59 2.52
N PRO A 104 19.30 12.32 2.14
CA PRO A 104 20.22 13.46 2.02
C PRO A 104 19.97 14.37 0.80
N TYR A 105 19.01 14.01 -0.05
CA TYR A 105 18.79 14.75 -1.30
C TYR A 105 17.42 15.39 -1.43
N VAL A 106 16.47 14.96 -0.61
CA VAL A 106 15.10 15.45 -0.71
C VAL A 106 14.99 16.93 -0.31
N GLN A 107 14.33 17.73 -1.14
CA GLN A 107 14.14 19.15 -0.86
C GLN A 107 12.91 19.36 0.02
N ASP A 108 12.90 20.45 0.77
CA ASP A 108 11.84 20.72 1.75
C ASP A 108 10.44 20.65 1.14
N SER A 109 10.30 21.17 -0.07
CA SER A 109 9.00 21.26 -0.74
C SER A 109 8.61 19.99 -1.51
N ALA A 110 9.27 18.88 -1.21
CA ALA A 110 8.98 17.63 -1.90
C ALA A 110 7.70 16.98 -1.42
N LEU A 111 6.87 16.54 -2.37
CA LEU A 111 5.70 15.75 -2.07
C LEU A 111 6.07 14.28 -2.19
N ILE A 112 6.01 13.57 -1.06
CA ILE A 112 6.39 12.16 -1.03
C ILE A 112 5.15 11.27 -1.02
N VAL A 113 5.02 10.45 -2.07
CA VAL A 113 3.80 9.69 -2.34
C VAL A 113 4.05 8.19 -2.30
N GLY A 114 3.26 7.50 -1.49
CA GLY A 114 3.21 6.04 -1.51
C GLY A 114 2.08 5.61 -2.42
N LEU A 115 2.42 5.00 -3.54
CA LEU A 115 1.43 4.61 -4.55
C LEU A 115 1.50 3.12 -4.95
N PRO A 116 1.14 2.21 -4.04
CA PRO A 116 1.02 2.31 -2.58
C PRO A 116 2.45 2.23 -2.02
N SER A 117 2.74 2.57 -0.75
CA SER A 117 1.87 2.97 0.37
C SER A 117 1.76 1.87 1.42
N GLN A 118 0.75 1.90 1.42
CA GLN A 118 -0.24 1.28 2.28
C GLN A 118 0.27 1.10 3.69
N ALA A 119 0.32 0.25 4.79
CA ALA A 119 0.28 0.79 6.15
C ALA A 119 1.57 1.07 6.96
N GLY A 120 1.60 2.14 7.72
CA GLY A 120 2.83 2.51 8.42
C GLY A 120 3.83 3.27 7.57
N PHE A 121 3.41 3.65 6.38
CA PHE A 121 4.22 4.38 5.40
C PHE A 121 4.72 5.73 5.94
N GLU A 122 3.87 6.41 6.72
CA GLU A 122 4.20 7.73 7.26
C GLU A 122 5.13 7.64 8.47
N PHE A 123 4.93 6.60 9.29
CA PHE A 123 5.78 6.37 10.46
C PHE A 123 7.21 6.08 10.01
N GLN A 124 7.34 5.25 8.98
CA GLN A 124 8.62 4.88 8.40
C GLN A 124 9.30 6.10 7.79
N CYS A 125 8.52 6.94 7.12
CA CYS A 125 9.04 8.15 6.51
C CYS A 125 9.55 9.14 7.57
N ARG A 126 8.78 9.33 8.63
CA ARG A 126 9.14 10.24 9.72
C ARG A 126 10.42 9.82 10.41
N ASP A 127 10.58 8.51 10.56
CA ASP A 127 11.75 7.92 11.21
C ASP A 127 13.01 8.15 10.39
N ILE A 128 12.99 7.71 9.13
CA ILE A 128 14.18 7.75 8.28
C ILE A 128 14.60 9.17 7.91
N LEU A 129 13.62 10.02 7.59
CA LEU A 129 13.91 11.40 7.16
C LEU A 129 14.17 12.38 8.31
N GLY A 130 13.96 11.91 9.54
CA GLY A 130 14.23 12.71 10.75
C GLY A 130 13.63 14.11 10.74
N ASP A 131 14.48 15.11 10.95
CA ASP A 131 14.05 16.52 11.04
C ASP A 131 13.35 17.05 9.78
N LYS A 132 13.67 16.47 8.62
CA LYS A 132 13.12 16.92 7.33
C LYS A 132 11.69 16.42 7.10
N ALA A 133 11.26 15.45 7.90
CA ALA A 133 9.95 14.82 7.75
C ALA A 133 8.79 15.78 8.03
N ALA A 134 9.02 16.74 8.92
CA ALA A 134 8.01 17.73 9.26
C ALA A 134 7.89 18.82 8.19
N ALA A 135 8.87 18.88 7.30
CA ALA A 135 8.88 19.87 6.21
C ALA A 135 8.12 19.35 4.99
N VAL A 136 8.46 18.15 4.55
CA VAL A 136 7.86 17.50 3.38
C VAL A 136 6.39 17.15 3.62
N SER A 137 5.65 16.90 2.53
CA SER A 137 4.29 16.38 2.60
C SER A 137 4.26 14.87 2.27
N MET A 138 3.44 14.14 3.02
CA MET A 138 3.33 12.69 2.86
C MET A 138 1.94 12.28 2.37
N MET A 139 1.89 11.58 1.24
CA MET A 139 0.63 11.21 0.58
C MET A 139 0.49 9.69 0.39
N SER A 140 -0.57 9.12 0.95
CA SER A 140 -0.78 7.68 0.91
C SER A 140 -2.05 7.26 0.15
N PHE A 141 -1.86 6.59 -0.99
CA PHE A 141 -2.97 6.09 -1.82
C PHE A 141 -3.39 4.70 -1.37
N GLU A 142 -4.70 4.43 -1.43
CA GLU A 142 -5.26 3.19 -0.88
C GLU A 142 -4.79 1.91 -1.57
N THR A 143 -4.54 2.02 -2.88
CA THR A 143 -4.04 0.90 -3.69
C THR A 143 -3.34 1.42 -4.95
N LEU A 144 -2.92 0.52 -5.83
CA LEU A 144 -2.41 0.92 -7.14
C LEU A 144 -3.57 1.39 -8.03
N PRO A 145 -3.38 2.51 -8.74
CA PRO A 145 -4.38 3.04 -9.67
C PRO A 145 -4.88 2.01 -10.70
N TRP A 146 -4.01 1.12 -11.16
CA TRP A 146 -4.34 0.22 -12.25
C TRP A 146 -4.08 -1.25 -11.94
N ALA A 147 -4.86 -2.12 -12.57
CA ALA A 147 -4.48 -3.52 -12.73
C ALA A 147 -3.56 -3.55 -13.95
N CYS A 148 -2.27 -3.79 -13.72
CA CYS A 148 -1.27 -3.71 -14.78
C CYS A 148 -0.19 -4.80 -14.70
N ARG A 149 0.39 -5.13 -15.86
CA ARG A 149 1.48 -6.09 -15.93
C ARG A 149 2.44 -5.74 -17.05
N ILE A 150 3.73 -5.97 -16.80
CA ILE A 150 4.77 -5.78 -17.80
C ILE A 150 4.67 -6.86 -18.87
N LYS A 151 4.68 -6.45 -20.14
CA LYS A 151 4.64 -7.39 -21.26
C LYS A 151 6.04 -7.62 -21.86
N GLU A 152 6.95 -6.69 -21.55
CA GLU A 152 8.31 -6.70 -22.07
C GLU A 152 9.10 -5.72 -21.20
N PHE A 153 10.11 -6.22 -20.50
CA PHE A 153 10.83 -5.42 -19.50
C PHE A 153 11.45 -4.15 -20.09
N GLY A 154 11.28 -3.05 -19.37
CA GLY A 154 11.85 -1.76 -19.73
C GLY A 154 11.20 -1.05 -20.91
N ARG A 155 10.29 -1.75 -21.58
CA ARG A 155 9.78 -1.30 -22.87
C ARG A 155 8.26 -1.24 -22.96
N LYS A 156 7.59 -2.22 -22.36
CA LYS A 156 6.15 -2.39 -22.58
C LYS A 156 5.42 -2.84 -21.31
N VAL A 157 4.33 -2.13 -21.00
CA VAL A 157 3.46 -2.47 -19.87
C VAL A 157 1.99 -2.35 -20.27
N GLU A 158 1.17 -3.25 -19.73
CA GLU A 158 -0.25 -3.32 -20.08
C GLU A 158 -1.14 -2.95 -18.91
N VAL A 159 -2.06 -2.03 -19.14
CA VAL A 159 -3.10 -1.70 -18.17
C VAL A 159 -4.35 -2.47 -18.56
N LEU A 160 -4.68 -3.50 -17.78
CA LEU A 160 -5.88 -4.31 -17.98
C LEU A 160 -7.14 -3.50 -17.68
N GLY A 161 -7.03 -2.61 -16.69
CA GLY A 161 -8.15 -1.76 -16.28
C GLY A 161 -7.73 -0.68 -15.31
N THR A 162 -8.44 0.44 -15.36
CA THR A 162 -8.14 1.57 -14.50
C THR A 162 -9.34 1.87 -13.59
N LYS A 163 -9.04 2.13 -12.31
CA LYS A 163 -10.05 2.38 -11.28
C LYS A 163 -10.89 3.61 -11.60
N SER A 164 -12.16 3.55 -11.21
CA SER A 164 -13.07 4.68 -11.39
C SER A 164 -12.72 5.81 -10.43
N VAL A 165 -12.80 5.53 -9.13
CA VAL A 165 -12.38 6.46 -8.09
C VAL A 165 -11.18 5.91 -7.31
N LEU A 166 -10.42 6.81 -6.68
CA LEU A 166 -9.32 6.41 -5.80
C LEU A 166 -9.05 7.48 -4.75
N ALA A 167 -8.85 7.04 -3.51
CA ALA A 167 -8.65 7.95 -2.38
C ALA A 167 -7.20 8.01 -1.93
N ALA A 168 -6.77 9.19 -1.49
CA ALA A 168 -5.43 9.40 -0.96
C ALA A 168 -5.47 10.30 0.27
N SER A 169 -4.68 9.93 1.28
CA SER A 169 -4.55 10.76 2.48
C SER A 169 -3.34 11.69 2.37
N LEU A 170 -3.24 12.64 3.30
CA LEU A 170 -2.19 13.66 3.27
C LEU A 170 -1.86 14.18 4.67
N ILE A 171 -0.57 14.23 4.97
CA ILE A 171 -0.05 14.96 6.12
C ILE A 171 0.73 16.16 5.57
N LYS A 172 0.16 17.35 5.73
CA LYS A 172 0.79 18.57 5.26
C LYS A 172 2.00 18.91 6.10
N GLY A 173 3.09 19.27 5.43
CA GLY A 173 4.30 19.73 6.10
C GLY A 173 4.32 21.25 6.14
N THR A 174 5.42 21.81 6.63
CA THR A 174 5.56 23.26 6.73
C THR A 174 5.85 23.90 5.38
N ALA A 175 6.39 23.10 4.45
CA ALA A 175 6.70 23.57 3.11
C ALA A 175 5.51 23.55 2.17
N LYS A 176 5.43 24.55 1.30
CA LYS A 176 4.45 24.57 0.23
C LYS A 176 4.93 23.67 -0.90
N THR A 177 4.22 22.58 -1.12
CA THR A 177 4.51 21.69 -2.24
C THR A 177 3.64 22.13 -3.41
N VAL A 178 3.86 21.51 -4.56
CA VAL A 178 2.88 21.55 -5.65
C VAL A 178 1.57 20.94 -5.13
N ASP A 179 0.44 21.39 -5.67
CA ASP A 179 -0.86 20.91 -5.18
C ASP A 179 -0.96 19.40 -5.33
N PRO A 180 -1.10 18.68 -4.20
CA PRO A 180 -1.07 17.22 -4.17
C PRO A 180 -2.12 16.55 -5.07
N LEU A 181 -3.39 16.82 -4.81
CA LEU A 181 -4.47 16.12 -5.52
C LEU A 181 -4.46 16.34 -7.03
N SER A 182 -4.37 17.59 -7.46
CA SER A 182 -4.44 17.92 -8.88
C SER A 182 -3.19 17.53 -9.67
N THR A 183 -2.01 17.72 -9.08
CA THR A 183 -0.75 17.30 -9.70
C THR A 183 -0.71 15.80 -9.97
N LEU A 184 -1.15 15.02 -8.98
CA LEU A 184 -1.25 13.56 -9.09
C LEU A 184 -2.31 13.16 -10.11
N GLN A 185 -3.42 13.91 -10.14
CA GLN A 185 -4.47 13.71 -11.13
C GLN A 185 -3.90 13.91 -12.52
N MET A 186 -3.31 15.08 -12.75
CA MET A 186 -2.71 15.44 -14.03
C MET A 186 -1.78 14.35 -14.54
N LEU A 187 -0.96 13.79 -13.64
CA LEU A 187 -0.03 12.71 -13.99
C LEU A 187 -0.75 11.45 -14.46
N HIS A 188 -1.91 11.19 -13.86
CA HIS A 188 -2.70 9.99 -14.15
C HIS A 188 -3.71 10.20 -15.28
N GLY A 189 -3.92 11.45 -15.66
CA GLY A 189 -4.93 11.79 -16.66
C GLY A 189 -6.32 11.83 -16.07
N ALA A 190 -7.31 11.48 -16.88
CA ALA A 190 -8.71 11.53 -16.47
C ALA A 190 -9.07 10.54 -15.36
N GLU A 191 -8.46 9.35 -15.40
CA GLU A 191 -8.79 8.29 -14.45
C GLU A 191 -7.55 7.74 -13.73
N PRO A 192 -7.72 7.25 -12.49
CA PRO A 192 -8.96 7.29 -11.70
C PRO A 192 -9.17 8.67 -11.09
N VAL A 193 -10.43 9.03 -10.82
CA VAL A 193 -10.69 10.34 -10.23
C VAL A 193 -10.40 10.34 -8.73
N PHE A 194 -9.41 11.13 -8.35
CA PHE A 194 -8.90 11.12 -6.98
C PHE A 194 -9.72 11.96 -6.00
N ARG A 195 -9.88 11.45 -4.79
CA ARG A 195 -10.47 12.21 -3.69
C ARG A 195 -9.52 12.23 -2.49
N LEU A 196 -9.60 13.29 -1.70
CA LEU A 196 -8.73 13.45 -0.55
C LEU A 196 -9.44 12.95 0.71
N ALA A 197 -8.88 11.92 1.34
CA ALA A 197 -9.42 11.41 2.58
C ALA A 197 -9.09 12.36 3.73
N LYS A 198 -10.00 12.45 4.69
CA LYS A 198 -9.92 13.43 5.76
C LYS A 198 -8.67 13.31 6.62
N HIS A 199 -8.18 12.09 6.80
CA HIS A 199 -7.08 11.82 7.72
C HIS A 199 -6.24 10.62 7.27
N PHE A 200 -4.95 10.62 7.61
CA PHE A 200 -4.03 9.56 7.19
C PHE A 200 -4.26 8.24 7.92
N LEU A 201 -4.76 8.32 9.15
CA LEU A 201 -5.09 7.14 9.94
C LEU A 201 -6.36 6.47 9.40
N GLU A 202 -7.27 7.28 8.87
CA GLU A 202 -8.44 6.77 8.16
C GLU A 202 -7.99 5.87 7.02
N MET A 203 -7.12 6.40 6.16
CA MET A 203 -6.55 5.65 5.04
C MET A 203 -5.89 4.35 5.52
N LEU A 204 -5.13 4.46 6.60
CA LEU A 204 -4.38 3.33 7.16
C LEU A 204 -5.29 2.22 7.66
N ILE A 205 -6.40 2.60 8.28
CA ILE A 205 -7.38 1.65 8.82
C ILE A 205 -8.33 1.15 7.73
N MET A 206 -8.65 2.01 6.77
CA MET A 206 -9.55 1.68 5.65
C MET A 206 -8.91 0.78 4.59
N SER A 207 -7.61 0.52 4.75
CA SER A 207 -6.89 -0.44 3.91
C SER A 207 -7.41 -1.86 4.12
N TYR A 208 -8.14 -2.06 5.22
CA TYR A 208 -8.75 -3.35 5.58
C TYR A 208 -7.73 -4.50 5.51
N SER A 209 -6.68 -4.37 6.30
CA SER A 209 -5.54 -5.31 6.26
C SER A 209 -5.94 -6.77 6.54
N PHE A 210 -7.00 -6.95 7.31
CA PHE A 210 -7.49 -8.27 7.70
C PHE A 210 -8.06 -9.12 6.56
N VAL A 211 -8.46 -8.48 5.46
CA VAL A 211 -9.23 -9.15 4.39
C VAL A 211 -8.62 -10.47 3.87
N HIS A 212 -7.42 -10.38 3.31
CA HIS A 212 -6.76 -11.55 2.72
C HIS A 212 -6.35 -12.61 3.75
N PRO A 213 -5.77 -12.18 4.91
CA PRO A 213 -5.59 -13.12 6.02
C PRO A 213 -6.90 -13.78 6.49
N ALA A 214 -8.01 -13.03 6.47
CA ALA A 214 -9.32 -13.55 6.88
C ALA A 214 -9.87 -14.58 5.89
N ILE A 215 -9.75 -14.26 4.60
CA ILE A 215 -10.18 -15.17 3.52
C ILE A 215 -9.36 -16.46 3.52
N LEU A 216 -8.06 -16.34 3.77
CA LEU A 216 -7.20 -17.51 3.88
C LEU A 216 -7.52 -18.34 5.12
N PHE A 217 -7.87 -17.66 6.21
CA PHE A 217 -8.29 -18.33 7.44
C PHE A 217 -9.66 -18.99 7.29
N GLY A 218 -10.51 -18.38 6.47
CA GLY A 218 -11.85 -18.91 6.21
C GLY A 218 -11.84 -20.22 5.45
N ARG A 219 -10.93 -20.34 4.49
CA ARG A 219 -10.84 -21.54 3.65
C ARG A 219 -9.90 -22.61 4.24
N TRP A 220 -8.93 -22.19 5.05
CA TRP A 220 -7.91 -23.12 5.57
C TRP A 220 -7.73 -23.08 7.09
N GLY A 221 -8.73 -22.55 7.81
CA GLY A 221 -8.67 -22.37 9.26
C GLY A 221 -8.25 -23.61 10.04
N SER A 222 -9.16 -24.58 10.16
CA SER A 222 -8.84 -25.86 10.76
C SER A 222 -8.71 -26.93 9.66
N TRP A 223 -7.83 -26.63 8.70
CA TRP A 223 -7.57 -27.51 7.56
C TRP A 223 -6.81 -28.75 8.00
N ASP A 224 -7.45 -29.90 7.83
CA ASP A 224 -6.96 -31.19 8.36
C ASP A 224 -5.58 -31.62 7.86
N GLY A 225 -5.18 -31.14 6.69
CA GLY A 225 -3.93 -31.54 6.07
C GLY A 225 -4.19 -32.54 4.95
N LYS A 226 -5.40 -32.46 4.39
CA LYS A 226 -5.81 -33.29 3.26
C LYS A 226 -6.10 -32.39 2.06
N PRO A 227 -5.72 -32.85 0.85
CA PRO A 227 -5.79 -32.04 -0.38
C PRO A 227 -7.21 -31.79 -0.90
N VAL A 228 -7.30 -30.91 -1.91
CA VAL A 228 -8.56 -30.65 -2.61
C VAL A 228 -8.38 -30.84 -4.12
N PRO A 229 -9.42 -31.32 -4.81
CA PRO A 229 -9.40 -31.55 -6.27
C PRO A 229 -8.70 -30.45 -7.06
N GLU A 230 -9.09 -29.20 -6.87
CA GLU A 230 -8.45 -28.07 -7.54
C GLU A 230 -8.54 -26.77 -6.74
N ALA A 231 -7.91 -25.72 -7.25
CA ALA A 231 -7.89 -24.40 -6.61
C ALA A 231 -9.30 -23.85 -6.38
N PRO A 232 -9.71 -23.72 -5.10
CA PRO A 232 -11.03 -23.19 -4.79
C PRO A 232 -11.09 -21.67 -5.00
N LEU A 233 -12.28 -21.15 -5.24
CA LEU A 233 -12.49 -19.72 -5.47
C LEU A 233 -12.04 -18.89 -4.26
N PHE A 234 -11.43 -17.74 -4.53
CA PHE A 234 -10.89 -16.89 -3.47
C PHE A 234 -12.00 -16.12 -2.76
N TYR A 235 -12.34 -14.94 -3.29
CA TYR A 235 -13.39 -14.10 -2.73
C TYR A 235 -14.77 -14.76 -2.82
N GLN A 236 -15.08 -15.31 -3.99
CA GLN A 236 -16.38 -15.93 -4.24
C GLN A 236 -16.55 -17.27 -3.53
N GLY A 237 -15.46 -17.77 -2.95
CA GLY A 237 -15.47 -19.05 -2.25
C GLY A 237 -15.50 -18.94 -0.74
N ILE A 238 -15.83 -17.76 -0.23
CA ILE A 238 -15.93 -17.57 1.22
C ILE A 238 -17.23 -18.14 1.77
N ASP A 239 -17.22 -18.55 3.03
CA ASP A 239 -18.41 -19.03 3.71
C ASP A 239 -19.07 -17.89 4.51
N GLN A 240 -20.21 -18.18 5.13
CA GLN A 240 -20.92 -17.19 5.94
C GLN A 240 -20.09 -16.76 7.15
N ALA A 241 -19.47 -17.73 7.83
CA ALA A 241 -18.65 -17.47 9.02
C ALA A 241 -17.49 -16.52 8.74
N THR A 242 -16.96 -16.58 7.53
CA THR A 242 -15.88 -15.69 7.10
C THR A 242 -16.42 -14.28 6.83
N ALA A 243 -17.66 -14.19 6.36
CA ALA A 243 -18.32 -12.90 6.18
C ALA A 243 -18.62 -12.23 7.52
N ASP A 244 -18.88 -13.06 8.54
CA ASP A 244 -19.04 -12.59 9.91
C ASP A 244 -17.69 -12.11 10.46
N MET A 245 -16.66 -12.91 10.19
CA MET A 245 -15.27 -12.62 10.60
C MET A 245 -14.81 -11.27 10.05
N LEU A 246 -15.14 -10.99 8.79
CA LEU A 246 -14.82 -9.71 8.16
C LEU A 246 -15.58 -8.55 8.80
N THR A 247 -16.83 -8.79 9.20
CA THR A 247 -17.65 -7.77 9.88
C THR A 247 -17.08 -7.45 11.25
N ALA A 248 -16.72 -8.50 11.99
CA ALA A 248 -16.09 -8.36 13.30
C ALA A 248 -14.86 -7.46 13.26
N CYS A 249 -13.94 -7.76 12.35
CA CYS A 249 -12.70 -7.00 12.19
C CYS A 249 -12.91 -5.56 11.73
N SER A 250 -13.97 -5.35 10.95
CA SER A 250 -14.35 -4.02 10.45
C SER A 250 -14.92 -3.15 11.57
N ASN A 251 -15.67 -3.78 12.47
CA ASN A 251 -16.19 -3.10 13.67
C ASN A 251 -15.06 -2.68 14.60
N GLU A 252 -14.08 -3.56 14.75
CA GLU A 252 -12.87 -3.27 15.53
C GLU A 252 -12.12 -2.07 14.96
N CYS A 253 -12.13 -1.96 13.62
CA CYS A 253 -11.59 -0.79 12.93
C CYS A 253 -12.27 0.50 13.35
N LYS A 254 -13.60 0.47 13.41
CA LYS A 254 -14.39 1.60 13.90
C LYS A 254 -14.11 1.91 15.36
N ASP A 255 -13.97 0.86 16.17
CA ASP A 255 -13.65 0.99 17.59
C ASP A 255 -12.37 1.79 17.81
N VAL A 256 -11.33 1.45 17.05
CA VAL A 256 -10.05 2.16 17.11
C VAL A 256 -10.20 3.59 16.62
N ALA A 257 -10.97 3.77 15.54
CA ALA A 257 -11.25 5.09 15.00
C ALA A 257 -11.96 5.99 16.02
N ASN A 258 -13.03 5.47 16.61
CA ASN A 258 -13.81 6.19 17.61
C ASN A 258 -12.98 6.59 18.81
N ALA A 259 -12.18 5.66 19.33
CA ALA A 259 -11.32 5.88 20.49
C ALA A 259 -10.21 6.90 20.24
N ILE A 260 -9.73 6.98 19.00
CA ILE A 260 -8.75 8.00 18.61
C ILE A 260 -9.43 9.37 18.60
N MET A 261 -10.65 9.42 18.05
CA MET A 261 -11.44 10.65 17.99
C MET A 261 -11.85 11.19 19.36
N ALA A 262 -12.14 10.28 20.28
CA ALA A 262 -12.47 10.66 21.66
C ALA A 262 -11.25 11.21 22.40
N ALA A 263 -10.12 10.51 22.27
CA ALA A 263 -8.88 10.87 22.96
C ALA A 263 -8.17 12.07 22.34
N CYS A 264 -8.31 12.23 21.02
CA CYS A 264 -7.64 13.31 20.29
C CYS A 264 -8.62 14.12 19.43
N PRO A 265 -9.12 15.25 19.97
CA PRO A 265 -10.02 16.10 19.20
C PRO A 265 -9.27 16.83 18.08
N GLY A 266 -9.98 17.12 16.99
CA GLY A 266 -9.39 17.81 15.84
C GLY A 266 -8.84 16.86 14.80
N ASN A 267 -8.97 15.56 15.06
CA ASN A 267 -8.59 14.51 14.13
C ASN A 267 -9.83 13.76 13.65
N ASP A 268 -10.25 14.08 12.43
CA ASP A 268 -11.52 13.57 11.89
C ASP A 268 -11.37 12.18 11.24
N LEU A 269 -11.89 11.17 11.92
CA LEU A 269 -11.84 9.78 11.46
C LEU A 269 -13.25 9.22 11.21
N SER A 270 -14.16 10.11 10.81
CA SER A 270 -15.56 9.72 10.60
C SER A 270 -15.81 8.99 9.28
N ASP A 271 -14.84 8.97 8.39
CA ASP A 271 -14.98 8.29 7.10
C ASP A 271 -14.40 6.88 7.13
N VAL A 272 -14.10 6.38 8.31
CA VAL A 272 -13.78 5.01 8.57
C VAL A 272 -15.05 4.18 8.76
N LYS A 273 -15.23 3.19 7.90
CA LYS A 273 -16.50 2.78 7.34
C LYS A 273 -16.73 1.35 7.81
N ASP A 274 -17.93 0.82 7.59
CA ASP A 274 -18.06 -0.63 7.64
C ASP A 274 -17.66 -1.19 6.28
N ILE A 275 -17.10 -2.40 6.28
CA ILE A 275 -16.64 -3.04 5.05
C ILE A 275 -17.81 -3.39 4.10
N TYR A 276 -18.98 -3.64 4.67
CA TYR A 276 -20.20 -3.80 3.87
C TYR A 276 -20.61 -2.47 3.26
N GLN A 277 -20.63 -1.43 4.10
CA GLN A 277 -20.96 -0.07 3.67
C GLN A 277 -19.94 0.46 2.64
N TRP A 278 -18.86 -0.29 2.46
CA TRP A 278 -17.75 0.11 1.58
C TRP A 278 -17.91 -0.42 0.14
N TYR A 279 -18.25 0.49 -0.76
CA TYR A 279 -18.29 0.29 -2.23
C TYR A 279 -18.92 1.53 -2.92
N LEU A 280 -18.33 2.07 -3.99
CA LEU A 280 -17.10 1.64 -4.68
C LEU A 280 -16.83 0.14 -4.83
N HIS A 291 -27.47 -6.82 -1.07
CA HIS A 291 -28.20 -7.60 -0.08
C HIS A 291 -27.55 -7.46 1.30
N ASP A 292 -26.48 -8.22 1.54
CA ASP A 292 -25.63 -8.06 2.73
C ASP A 292 -24.17 -8.38 2.38
N LEU A 293 -23.27 -8.29 3.35
CA LEU A 293 -21.83 -8.44 3.08
C LEU A 293 -21.46 -9.71 2.31
N TYR A 294 -21.89 -10.86 2.83
CA TYR A 294 -21.59 -12.14 2.18
C TYR A 294 -21.94 -12.14 0.70
N HIS A 295 -23.19 -11.80 0.39
CA HIS A 295 -23.68 -11.80 -0.99
C HIS A 295 -23.03 -10.69 -1.82
N ALA A 296 -22.67 -9.59 -1.17
CA ALA A 296 -21.99 -8.49 -1.84
C ALA A 296 -20.61 -8.89 -2.35
N ILE A 297 -19.93 -9.75 -1.60
CA ILE A 297 -18.62 -10.26 -2.00
C ILE A 297 -18.77 -11.37 -3.05
N THR A 298 -19.60 -12.36 -2.75
CA THR A 298 -19.74 -13.54 -3.61
C THR A 298 -20.36 -13.22 -4.98
N THR A 299 -21.30 -12.28 -5.03
CA THR A 299 -21.92 -11.90 -6.30
C THR A 299 -21.28 -10.65 -6.91
N ASN A 300 -19.98 -10.51 -6.72
CA ASN A 300 -19.22 -9.46 -7.38
C ASN A 300 -18.52 -9.99 -8.63
N LYS A 301 -18.94 -9.48 -9.78
CA LYS A 301 -18.39 -9.87 -11.08
C LYS A 301 -16.93 -9.43 -11.26
N SER A 302 -16.44 -8.67 -10.28
CA SER A 302 -15.03 -8.30 -10.20
C SER A 302 -14.21 -9.37 -9.46
N TYR A 303 -14.91 -10.38 -8.94
CA TYR A 303 -14.27 -11.50 -8.23
C TYR A 303 -14.43 -12.86 -8.93
N LYS A 304 -14.92 -12.85 -10.17
CA LYS A 304 -15.18 -14.10 -10.90
C LYS A 304 -13.90 -14.84 -11.27
N GLY A 305 -13.86 -16.13 -10.94
CA GLY A 305 -12.74 -17.01 -11.31
C GLY A 305 -11.40 -16.68 -10.67
N LEU A 306 -11.43 -15.94 -9.56
CA LEU A 306 -10.23 -15.67 -8.79
C LEU A 306 -10.08 -16.76 -7.74
N VAL A 307 -8.96 -17.47 -7.78
CA VAL A 307 -8.77 -18.65 -6.95
C VAL A 307 -7.64 -18.49 -5.93
N HIS A 308 -7.69 -19.32 -4.89
CA HIS A 308 -6.68 -19.35 -3.84
C HIS A 308 -5.28 -19.70 -4.39
N PRO A 309 -4.21 -19.30 -3.68
CA PRO A 309 -2.86 -19.71 -4.09
C PRO A 309 -2.63 -21.19 -3.76
N VAL A 310 -2.38 -21.99 -4.79
CA VAL A 310 -2.25 -23.44 -4.62
C VAL A 310 -0.91 -24.01 -5.12
N LYS A 311 -0.49 -25.11 -4.49
CA LYS A 311 0.69 -25.86 -4.91
C LYS A 311 0.36 -27.35 -4.95
N ALA A 312 0.99 -28.07 -5.88
CA ALA A 312 0.70 -29.49 -6.11
C ALA A 312 1.29 -30.38 -5.02
N VAL A 313 0.44 -31.28 -4.51
CA VAL A 313 0.83 -32.25 -3.47
C VAL A 313 0.21 -33.63 -3.73
N ASP A 314 0.33 -34.51 -2.74
CA ASP A 314 -0.25 -35.83 -2.77
C ASP A 314 -1.79 -35.76 -2.81
N GLY A 315 -2.40 -36.34 -3.84
CA GLY A 315 -3.83 -36.53 -4.00
C GLY A 315 -4.57 -35.23 -4.24
N GLY A 316 -3.97 -34.19 -4.74
CA GLY A 316 -4.63 -32.93 -5.07
C GLY A 316 -3.73 -31.72 -4.92
N VAL A 317 -4.32 -30.57 -4.64
CA VAL A 317 -3.55 -29.33 -4.44
C VAL A 317 -3.69 -28.77 -3.01
N ALA A 318 -2.57 -28.29 -2.47
CA ALA A 318 -2.55 -27.66 -1.15
C ALA A 318 -2.50 -26.14 -1.28
N PRO A 319 -2.95 -25.40 -0.24
CA PRO A 319 -2.74 -23.96 -0.21
C PRO A 319 -1.26 -23.56 -0.19
N ASP A 320 -0.92 -22.57 -1.01
CA ASP A 320 0.43 -22.02 -1.08
C ASP A 320 0.51 -20.80 -0.17
N PHE A 321 1.01 -20.99 1.04
CA PHE A 321 1.06 -19.92 2.03
C PHE A 321 2.22 -18.93 1.86
N GLY A 322 3.16 -19.25 0.98
CA GLY A 322 4.26 -18.33 0.68
C GLY A 322 3.84 -17.27 -0.32
N ASN A 323 3.01 -16.32 0.14
CA ASN A 323 2.47 -15.29 -0.75
C ASN A 323 2.26 -13.91 -0.13
N ARG A 324 2.16 -12.90 -0.99
CA ARG A 324 2.00 -11.50 -0.58
C ARG A 324 0.75 -11.21 0.24
N TYR A 325 -0.19 -12.16 0.26
CA TYR A 325 -1.39 -12.03 1.09
C TYR A 325 -1.04 -12.06 2.59
N LEU A 326 0.11 -12.65 2.92
CA LEU A 326 0.55 -12.74 4.31
C LEU A 326 1.93 -12.11 4.54
N THR A 327 2.83 -12.22 3.55
CA THR A 327 4.17 -11.66 3.70
C THR A 327 4.18 -10.14 3.65
N GLU A 328 3.17 -9.56 2.99
CA GLU A 328 3.00 -8.12 2.96
C GLU A 328 1.93 -7.65 3.93
N ASP A 329 0.73 -8.23 3.82
CA ASP A 329 -0.46 -7.73 4.52
C ASP A 329 -0.42 -7.86 6.04
N ILE A 330 0.45 -8.73 6.56
CA ILE A 330 0.65 -8.79 8.00
C ILE A 330 1.62 -7.70 8.49
N PRO A 331 2.93 -7.79 8.12
CA PRO A 331 3.89 -6.82 8.68
C PRO A 331 3.71 -5.37 8.20
N MET A 332 3.17 -5.21 6.99
CA MET A 332 2.95 -3.89 6.41
C MET A 332 1.46 -3.55 6.41
N GLY A 333 0.72 -4.22 7.28
CA GLY A 333 -0.72 -4.01 7.39
C GLY A 333 -1.28 -4.25 8.79
N MET A 334 -1.54 -5.51 9.09
CA MET A 334 -2.23 -5.89 10.34
C MET A 334 -1.45 -5.53 11.61
N ILE A 335 -0.13 -5.73 11.58
CA ILE A 335 0.72 -5.37 12.71
C ILE A 335 0.69 -3.86 12.95
N VAL A 336 0.72 -3.10 11.86
CA VAL A 336 0.65 -1.64 11.94
C VAL A 336 -0.68 -1.19 12.56
N PHE A 337 -1.78 -1.83 12.16
CA PHE A 337 -3.09 -1.55 12.75
C PHE A 337 -3.16 -2.03 14.21
N LYS A 338 -2.46 -3.13 14.52
CA LYS A 338 -2.37 -3.61 15.90
C LYS A 338 -1.57 -2.64 16.77
N GLY A 339 -0.49 -2.09 16.20
CA GLY A 339 0.30 -1.07 16.88
C GLY A 339 -0.51 0.16 17.24
N VAL A 340 -1.37 0.59 16.32
CA VAL A 340 -2.30 1.70 16.56
C VAL A 340 -3.33 1.32 17.62
N ALA A 341 -3.91 0.13 17.51
CA ALA A 341 -4.88 -0.38 18.47
C ALA A 341 -4.37 -0.37 19.92
N ILE A 342 -3.13 -0.85 20.10
CA ILE A 342 -2.49 -0.85 21.42
C ILE A 342 -2.42 0.57 22.01
N ALA A 343 -1.95 1.52 21.20
CA ALA A 343 -1.82 2.91 21.63
C ALA A 343 -3.17 3.57 21.95
N ALA A 344 -4.23 3.12 21.28
CA ALA A 344 -5.57 3.64 21.52
C ALA A 344 -6.24 3.01 22.75
N GLY A 345 -5.71 1.88 23.20
CA GLY A 345 -6.29 1.14 24.33
C GLY A 345 -7.51 0.34 23.93
N VAL A 346 -7.49 -0.21 22.73
CA VAL A 346 -8.61 -0.99 22.20
C VAL A 346 -8.14 -2.39 21.78
N ALA A 347 -8.52 -3.40 22.57
CA ALA A 347 -8.25 -4.78 22.22
C ALA A 347 -9.02 -5.13 20.94
N ILE A 348 -8.34 -5.82 20.03
CA ILE A 348 -8.94 -6.21 18.75
C ILE A 348 -8.84 -7.73 18.54
N PRO A 349 -9.65 -8.51 19.30
CA PRO A 349 -9.50 -9.97 19.40
C PRO A 349 -9.59 -10.72 18.07
N SER A 350 -10.52 -10.32 17.21
CA SER A 350 -10.68 -10.95 15.90
C SER A 350 -9.47 -10.72 15.01
N ASN A 351 -8.99 -9.47 14.96
CA ASN A 351 -7.76 -9.12 14.28
C ASN A 351 -6.56 -9.87 14.86
N ASP A 352 -6.51 -9.97 16.19
CA ASP A 352 -5.44 -10.68 16.90
C ASP A 352 -5.33 -12.15 16.52
N LYS A 353 -6.49 -12.83 16.50
CA LYS A 353 -6.56 -14.26 16.14
C LYS A 353 -6.04 -14.50 14.73
N LEU A 354 -6.39 -13.61 13.81
CA LEU A 354 -5.90 -13.69 12.43
C LEU A 354 -4.40 -13.51 12.35
N ILE A 355 -3.88 -12.53 13.08
CA ILE A 355 -2.45 -12.28 13.13
C ILE A 355 -1.70 -13.50 13.65
N MET A 356 -2.17 -14.07 14.75
CA MET A 356 -1.56 -15.26 15.34
C MET A 356 -1.50 -16.46 14.39
N TRP A 357 -2.54 -16.62 13.57
CA TRP A 357 -2.62 -17.75 12.64
C TRP A 357 -1.74 -17.53 11.42
N ALA A 358 -1.90 -16.38 10.77
CA ALA A 358 -1.14 -16.03 9.57
C ALA A 358 0.36 -15.94 9.87
N GLN A 359 0.68 -15.58 11.11
CA GLN A 359 2.04 -15.53 11.62
C GLN A 359 2.80 -16.83 11.36
N GLU A 360 2.28 -17.91 11.95
CA GLU A 360 2.88 -19.24 11.90
C GLU A 360 3.00 -19.80 10.47
N LYS A 361 2.05 -19.44 9.61
CA LYS A 361 1.99 -19.98 8.25
C LYS A 361 3.14 -19.52 7.35
N ILE A 362 3.72 -18.36 7.65
CA ILE A 362 4.83 -17.82 6.87
C ILE A 362 6.17 -17.92 7.60
N GLY A 363 6.16 -18.56 8.77
CA GLY A 363 7.37 -18.80 9.56
C GLY A 363 7.90 -17.55 10.24
N LYS A 364 7.02 -16.57 10.44
CA LYS A 364 7.38 -15.30 11.06
C LYS A 364 6.68 -15.13 12.40
N GLU A 365 7.16 -14.19 13.20
CA GLU A 365 6.59 -13.90 14.51
C GLU A 365 6.65 -12.41 14.81
N TYR A 366 5.49 -11.81 15.08
CA TYR A 366 5.42 -10.38 15.38
C TYR A 366 4.67 -10.11 16.68
N LEU A 367 3.57 -10.84 16.88
CA LEU A 367 2.68 -10.66 18.03
C LEU A 367 2.73 -11.88 18.94
N VAL A 368 2.92 -11.65 20.22
CA VAL A 368 2.94 -12.71 21.23
C VAL A 368 2.16 -12.27 22.46
N ASP A 369 1.12 -13.01 22.80
CA ASP A 369 0.24 -12.72 23.94
C ASP A 369 -0.25 -11.27 23.97
N GLY A 370 -0.67 -10.78 22.79
CA GLY A 370 -1.22 -9.43 22.64
C GLY A 370 -0.22 -8.30 22.75
N ALA A 371 1.07 -8.64 22.69
CA ALA A 371 2.15 -7.65 22.80
C ALA A 371 3.12 -7.76 21.63
N LEU A 372 3.53 -6.60 21.11
CA LEU A 372 4.42 -6.54 19.95
C LEU A 372 5.87 -6.81 20.34
N THR A 373 6.14 -8.07 20.68
CA THR A 373 7.45 -8.50 21.16
C THR A 373 8.04 -9.61 20.28
N GLY A 374 7.33 -9.98 19.23
CA GLY A 374 7.75 -11.05 18.31
C GLY A 374 9.11 -10.86 17.65
N LYS A 375 9.74 -11.96 17.28
CA LYS A 375 11.09 -11.99 16.72
C LYS A 375 11.29 -11.05 15.52
N ASP A 376 10.27 -10.99 14.66
CA ASP A 376 10.37 -10.24 13.40
C ASP A 376 9.64 -8.90 13.44
N VAL A 377 9.30 -8.43 14.64
CA VAL A 377 8.57 -7.16 14.81
C VAL A 377 9.36 -5.96 14.28
N ALA A 378 10.67 -6.11 14.15
CA ALA A 378 11.54 -5.06 13.63
C ALA A 378 11.36 -4.85 12.12
N THR A 379 10.90 -5.89 11.43
CA THR A 379 10.65 -5.83 9.98
C THR A 379 9.24 -5.30 9.66
N THR A 380 8.53 -4.84 10.68
CA THR A 380 7.20 -4.26 10.51
C THR A 380 7.26 -2.73 10.54
N ARG A 381 6.09 -2.10 10.41
CA ARG A 381 5.99 -0.64 10.44
C ARG A 381 5.05 -0.15 11.55
N CYS A 382 4.82 -0.97 12.57
CA CYS A 382 4.01 -0.53 13.70
C CYS A 382 4.72 0.64 14.39
N PRO A 383 3.96 1.69 14.74
CA PRO A 383 4.53 2.93 15.32
C PRO A 383 5.57 2.67 16.40
N GLN A 384 5.31 1.68 17.24
CA GLN A 384 6.17 1.34 18.38
C GLN A 384 7.56 0.86 17.98
N ARG A 385 7.67 0.24 16.80
CA ARG A 385 8.95 -0.19 16.24
C ARG A 385 9.89 1.01 16.06
N TYR A 386 9.31 2.17 15.76
CA TYR A 386 10.09 3.38 15.53
C TYR A 386 10.17 4.28 16.75
N GLY A 387 9.46 3.90 17.82
CA GLY A 387 9.49 4.64 19.08
C GLY A 387 8.28 5.51 19.33
N PHE A 388 7.33 5.48 18.38
CA PHE A 388 6.05 6.19 18.54
C PHE A 388 5.11 5.36 19.41
N ASN A 389 5.06 5.69 20.69
CA ASN A 389 4.34 4.88 21.67
C ASN A 389 3.04 5.51 22.16
N THR A 390 2.86 6.80 21.91
CA THR A 390 1.62 7.48 22.25
C THR A 390 0.87 7.90 20.98
N LEU A 391 -0.44 8.16 21.14
CA LEU A 391 -1.28 8.57 20.03
C LEU A 391 -0.82 9.88 19.40
N ASP A 392 -0.41 10.83 20.23
CA ASP A 392 0.06 12.12 19.72
C ASP A 392 1.41 12.00 19.02
N ALA A 393 2.20 11.02 19.45
CA ALA A 393 3.46 10.70 18.76
C ALA A 393 3.17 10.03 17.41
N ILE A 394 2.08 9.26 17.37
CA ILE A 394 1.59 8.65 16.15
C ILE A 394 1.03 9.72 15.19
N LEU A 395 0.31 10.69 15.75
CA LEU A 395 -0.33 11.74 14.97
C LEU A 395 0.64 12.82 14.49
N THR A 396 1.49 13.31 15.38
CA THR A 396 2.36 14.46 15.09
C THR A 396 3.76 14.06 14.63
N GLY A 397 4.25 12.93 15.12
CA GLY A 397 5.60 12.47 14.82
C GLY A 397 6.62 13.00 15.82
N LYS A 398 6.15 13.74 16.81
CA LYS A 398 7.00 14.26 17.86
C LYS A 398 6.98 13.33 19.07
N LYS A 399 8.17 12.84 19.45
CA LYS A 399 8.33 12.04 20.67
C LYS A 399 8.35 12.96 21.87
N HIS A 400 7.73 12.54 22.97
CA HIS A 400 7.66 13.37 24.18
C HIS A 400 8.98 13.44 24.94
N HIS A 401 9.41 14.66 25.24
CA HIS A 401 10.63 14.90 26.02
C HIS A 401 10.33 15.73 27.26
N HIS A 402 10.48 15.11 28.43
CA HIS A 402 10.27 15.82 29.69
C HIS A 402 11.58 16.28 30.34
N HIS A 403 11.48 17.39 31.07
CA HIS A 403 12.60 18.04 31.74
C HIS A 403 12.13 18.43 33.15
N HIS A 404 13.00 18.42 34.16
CA HIS A 404 14.44 18.14 34.04
C HIS A 404 14.91 17.48 35.33
PA NAD B . 6.10 -5.56 -8.52
O1A NAD B . 6.14 -6.88 -7.86
O2A NAD B . 5.86 -5.69 -9.97
O5B NAD B . 7.48 -4.77 -8.27
C5B NAD B . 8.72 -5.44 -8.20
C4B NAD B . 9.78 -4.38 -7.95
O4B NAD B . 10.13 -4.32 -6.57
C3B NAD B . 11.07 -4.64 -8.69
O3B NAD B . 11.03 -4.09 -9.97
C2B NAD B . 12.10 -3.96 -7.81
O2B NAD B . 12.24 -2.61 -8.19
C1B NAD B . 11.51 -4.02 -6.41
N9A NAD B . 12.18 -5.09 -5.65
C8A NAD B . 11.86 -6.43 -5.68
N7A NAD B . 12.69 -7.10 -4.85
C5A NAD B . 13.54 -6.21 -4.30
C6A NAD B . 14.59 -6.36 -3.38
N6A NAD B . 15.12 -7.57 -3.23
N1A NAD B . 15.31 -5.24 -2.98
C2A NAD B . 15.00 -3.99 -3.47
N3A NAD B . 13.95 -3.86 -4.38
C4A NAD B . 13.24 -4.94 -4.78
O3 NAD B . 4.97 -4.64 -7.80
PN NAD B . 3.87 -3.77 -8.61
O1N NAD B . 3.12 -4.64 -9.53
O2N NAD B . 4.52 -2.55 -9.14
O5D NAD B . 2.84 -3.36 -7.44
C5D NAD B . 3.23 -2.60 -6.31
C4D NAD B . 2.14 -2.68 -5.25
O4D NAD B . 0.87 -2.45 -5.82
C3D NAD B . 2.10 -4.05 -4.58
O3D NAD B . 2.15 -3.87 -3.18
C2D NAD B . 0.77 -4.66 -4.99
O2D NAD B . 0.15 -5.34 -3.91
C1D NAD B . -0.06 -3.46 -5.43
N1N NAD B . -0.99 -3.76 -6.54
C2N NAD B . -0.56 -4.33 -7.70
C3N NAD B . -1.45 -4.60 -8.74
C7N NAD B . -0.92 -4.69 -10.15
O7N NAD B . -1.85 -4.89 -11.20
N7N NAD B . 0.39 -4.59 -10.38
C4N NAD B . -2.80 -4.30 -8.57
C5N NAD B . -3.24 -3.72 -7.39
C6N NAD B . -2.33 -3.46 -6.37
C PYR C . -4.87 -3.99 -2.36
O PYR C . -4.40 -2.74 -2.30
OXT PYR C . -4.03 -4.91 -2.95
CA PYR C . -6.17 -4.37 -1.87
O3 PYR C . -6.29 -5.65 -1.33
CB PYR C . -7.41 -3.43 -1.98
#